data_4OQX
#
_entry.id   4OQX
#
_cell.length_a   113.420
_cell.length_b   116.830
_cell.length_c   108.310
_cell.angle_alpha   90.00
_cell.angle_beta   90.00
_cell.angle_gamma   90.00
#
_symmetry.space_group_name_H-M   'C 2 2 21'
#
loop_
_entity.id
_entity.type
_entity.pdbx_description
1 polymer 'Thymidine kinase'
2 non-polymer 'SULFATE ION'
3 non-polymer 1-(2-deoxy-2-methyl-beta-D-arabinofuranosyl)-5-ethynylpyrimidine-2,4(1H,3H)-dione
4 water water
#
_entity_poly.entity_id   1
_entity_poly.type   'polypeptide(L)'
_entity_poly.pdbx_seq_one_letter_code
;KMPTLLRVYIDGPHGMGKTTTTQLLVALGSRDDIVYVPEPMTYWRVLGASETIANIYTTQHRLDQGEISAGDAAVVMTSA
QITMGMPYAVTDAVLAPHIGGEAGSSHAPPPALTLIFDRHPIAALLCYPAARYLMGSMTPQAVLAFVALIPPTLPGTNIV
LGALPEDRHIDRLAKRQRPGERLDLAMLAAIRRVYGLLANTVRYLQCGGSWREDWGQLSGTAVPPQGAEPQSNAGPRPHI
GDTLFTLFRAPELLAPNGDLYNVFAWALDVLAKRLRSMHVFILDYDQSPAGCRDALLQLTSGMVQTHVTTPGSIPTICDL
ARTFAREMGEAN
;
_entity_poly.pdbx_strand_id   A,B
#
# COMPACT_ATOMS: atom_id res chain seq x y z
N LYS A 1 -27.98 1.51 -19.31
CA LYS A 1 -27.18 0.93 -18.23
C LYS A 1 -25.99 0.20 -18.82
N MET A 2 -24.87 0.23 -18.10
CA MET A 2 -23.61 -0.25 -18.64
C MET A 2 -23.48 -1.78 -18.62
N PRO A 3 -22.57 -2.33 -19.43
CA PRO A 3 -22.32 -3.78 -19.39
C PRO A 3 -22.00 -4.28 -17.98
N THR A 4 -22.19 -5.56 -17.74
CA THR A 4 -21.96 -6.14 -16.42
C THR A 4 -20.66 -6.93 -16.39
N LEU A 5 -19.94 -6.82 -15.28
CA LEU A 5 -18.68 -7.56 -15.11
C LEU A 5 -18.74 -8.56 -13.95
N LEU A 6 -18.13 -9.71 -14.15
CA LEU A 6 -17.95 -10.65 -13.06
C LEU A 6 -16.47 -10.86 -12.74
N ARG A 7 -16.05 -10.43 -11.54
CA ARG A 7 -14.70 -10.69 -11.09
C ARG A 7 -14.65 -11.89 -10.11
N VAL A 8 -13.67 -12.75 -10.32
CA VAL A 8 -13.53 -13.98 -9.58
C VAL A 8 -12.07 -14.16 -9.22
N TYR A 9 -11.76 -14.12 -7.93
CA TYR A 9 -10.39 -14.26 -7.46
C TYR A 9 -10.17 -15.65 -6.87
N ILE A 10 -9.35 -16.46 -7.54
CA ILE A 10 -9.06 -17.81 -7.06
C ILE A 10 -7.89 -17.78 -6.10
N ASP A 11 -8.20 -17.95 -4.82
CA ASP A 11 -7.20 -17.79 -3.79
C ASP A 11 -7.15 -19.01 -2.85
N GLY A 12 -6.58 -18.82 -1.65
CA GLY A 12 -6.37 -19.88 -0.70
C GLY A 12 -4.89 -20.24 -0.65
N PRO A 13 -4.52 -21.27 0.13
CA PRO A 13 -3.10 -21.61 0.13
C PRO A 13 -2.63 -22.21 -1.18
N HIS A 14 -1.33 -22.15 -1.42
CA HIS A 14 -0.70 -22.80 -2.56
C HIS A 14 -0.66 -24.33 -2.40
N GLY A 15 -0.67 -25.03 -3.53
CA GLY A 15 -0.44 -26.46 -3.53
C GLY A 15 -1.70 -27.30 -3.50
N MET A 16 -2.86 -26.67 -3.56
CA MET A 16 -4.12 -27.43 -3.57
C MET A 16 -4.54 -27.80 -4.99
N GLY A 17 -3.90 -27.18 -5.97
CA GLY A 17 -4.23 -27.39 -7.37
C GLY A 17 -4.97 -26.22 -8.02
N LYS A 18 -4.68 -24.99 -7.58
CA LYS A 18 -5.44 -23.81 -8.07
C LYS A 18 -4.99 -23.33 -9.46
N THR A 19 -3.74 -23.63 -9.81
CA THR A 19 -3.22 -23.28 -11.13
C THR A 19 -3.74 -24.22 -12.22
N THR A 20 -3.75 -25.53 -11.95
CA THR A 20 -4.21 -26.50 -12.96
C THR A 20 -5.72 -26.44 -13.12
N THR A 21 -6.42 -26.21 -12.02
CA THR A 21 -7.88 -26.08 -12.01
C THR A 21 -8.36 -24.99 -12.96
N THR A 22 -7.81 -23.79 -12.79
CA THR A 22 -8.17 -22.64 -13.62
C THR A 22 -7.50 -22.66 -14.99
N GLN A 23 -6.37 -23.36 -15.09
CA GLN A 23 -5.75 -23.68 -16.37
C GLN A 23 -6.78 -24.47 -17.17
N LEU A 24 -7.39 -25.46 -16.51
CA LEU A 24 -8.48 -26.24 -17.10
C LEU A 24 -9.68 -25.37 -17.42
N LEU A 25 -9.83 -24.26 -16.70
CA LEU A 25 -10.93 -23.32 -16.91
C LEU A 25 -10.47 -22.24 -17.87
N VAL A 26 -9.15 -22.13 -18.03
CA VAL A 26 -8.56 -21.29 -19.07
C VAL A 26 -8.70 -21.97 -20.41
N ALA A 27 -9.90 -22.51 -20.67
CA ALA A 27 -10.20 -23.28 -21.86
C ALA A 27 -11.71 -23.40 -22.03
N SER A 30 -16.01 -18.71 -24.08
CA SER A 30 -15.15 -18.50 -25.26
C SER A 30 -13.98 -17.61 -24.90
N ARG A 31 -12.81 -17.88 -25.47
CA ARG A 31 -11.58 -17.15 -25.13
C ARG A 31 -11.70 -15.62 -25.15
N ASP A 32 -12.80 -15.11 -25.72
CA ASP A 32 -13.00 -13.66 -25.87
C ASP A 32 -13.78 -13.02 -24.70
N ASP A 33 -14.84 -13.68 -24.24
CA ASP A 33 -15.72 -13.09 -23.22
C ASP A 33 -15.34 -13.48 -21.79
N ILE A 34 -14.25 -14.24 -21.65
CA ILE A 34 -13.75 -14.58 -20.32
C ILE A 34 -12.23 -14.70 -20.35
N VAL A 35 -11.57 -13.99 -19.43
CA VAL A 35 -10.12 -13.92 -19.38
C VAL A 35 -9.56 -14.50 -18.10
N TYR A 36 -8.39 -15.14 -18.21
CA TYR A 36 -7.71 -15.69 -17.06
C TYR A 36 -6.42 -14.94 -16.81
N VAL A 37 -6.39 -14.15 -15.74
CA VAL A 37 -5.18 -13.47 -15.30
C VAL A 37 -4.34 -14.41 -14.44
N PRO A 38 -3.19 -14.86 -14.97
CA PRO A 38 -2.34 -15.88 -14.36
C PRO A 38 -1.48 -15.30 -13.25
N GLU A 39 -0.76 -16.13 -12.52
CA GLU A 39 0.12 -15.60 -11.49
C GLU A 39 1.33 -14.94 -12.13
N PRO A 40 1.73 -13.78 -11.61
CA PRO A 40 2.80 -13.00 -12.24
C PRO A 40 4.17 -13.62 -11.97
N MET A 41 4.37 -14.84 -12.46
CA MET A 41 5.60 -15.58 -12.17
C MET A 41 6.85 -14.87 -12.71
N THR A 42 6.76 -14.32 -13.93
CA THR A 42 7.90 -13.67 -14.56
C THR A 42 8.33 -12.42 -13.80
N TYR A 43 7.36 -11.68 -13.26
CA TYR A 43 7.67 -10.55 -12.41
C TYR A 43 8.41 -11.03 -11.15
N TRP A 44 7.95 -12.13 -10.56
CA TRP A 44 8.56 -12.72 -9.36
C TRP A 44 10.01 -13.18 -9.57
N ARG A 45 10.29 -13.82 -10.70
CA ARG A 45 11.64 -14.33 -11.01
C ARG A 45 12.58 -13.37 -11.73
N VAL A 46 12.02 -12.49 -12.59
CA VAL A 46 12.82 -11.57 -13.42
C VAL A 46 12.57 -10.05 -13.20
N LEU A 47 11.37 -9.56 -13.50
CA LEU A 47 11.13 -8.10 -13.61
C LEU A 47 11.29 -7.30 -12.30
N GLY A 48 10.58 -7.72 -11.26
CA GLY A 48 10.67 -7.07 -9.97
C GLY A 48 11.99 -7.34 -9.28
N ALA A 49 12.46 -8.58 -9.35
CA ALA A 49 13.66 -9.00 -8.60
C ALA A 49 14.06 -10.42 -8.98
N SER A 50 15.32 -10.77 -8.72
CA SER A 50 15.81 -12.08 -9.18
C SER A 50 15.40 -13.23 -8.25
N GLU A 51 14.55 -14.11 -8.77
CA GLU A 51 14.09 -15.30 -8.05
C GLU A 51 13.62 -14.98 -6.63
N THR A 52 12.52 -14.24 -6.53
CA THR A 52 12.00 -13.83 -5.24
C THR A 52 11.55 -15.03 -4.40
N ILE A 53 10.83 -15.96 -5.04
CA ILE A 53 10.37 -17.16 -4.37
C ILE A 53 11.53 -17.92 -3.74
N ALA A 54 12.62 -18.08 -4.50
CA ALA A 54 13.82 -18.73 -3.98
C ALA A 54 14.35 -17.99 -2.75
N ASN A 55 14.27 -16.67 -2.81
CA ASN A 55 14.82 -15.82 -1.76
C ASN A 55 14.02 -15.94 -0.48
N ILE A 56 12.72 -16.18 -0.64
CA ILE A 56 11.80 -16.31 0.47
C ILE A 56 12.06 -17.60 1.24
N TYR A 57 12.10 -18.71 0.51
CA TYR A 57 12.23 -20.02 1.16
C TYR A 57 13.63 -20.29 1.73
N THR A 58 14.63 -19.67 1.11
CA THR A 58 16.00 -19.80 1.58
C THR A 58 16.15 -19.07 2.91
N THR A 59 15.62 -17.86 2.95
CA THR A 59 15.66 -17.05 4.16
C THR A 59 14.97 -17.75 5.33
N GLN A 60 13.80 -18.32 5.10
CA GLN A 60 13.12 -19.03 6.16
C GLN A 60 13.97 -20.20 6.63
N HIS A 61 14.55 -20.91 5.66
CA HIS A 61 15.40 -22.06 5.94
C HIS A 61 16.62 -21.66 6.78
N ARG A 62 17.36 -20.69 6.30
CA ARG A 62 18.51 -20.16 7.02
C ARG A 62 18.14 -19.66 8.43
N LEU A 63 16.93 -19.12 8.58
CA LEU A 63 16.46 -18.71 9.89
C LEU A 63 16.27 -19.95 10.77
N ASP A 64 15.65 -20.96 10.18
CA ASP A 64 15.41 -22.23 10.81
C ASP A 64 16.73 -22.88 11.30
N GLN A 65 17.74 -22.87 10.45
CA GLN A 65 19.03 -23.47 10.78
C GLN A 65 19.85 -22.60 11.72
N GLY A 66 19.28 -21.48 12.15
CA GLY A 66 19.98 -20.52 13.00
C GLY A 66 21.17 -19.86 12.34
N GLU A 67 21.20 -19.82 11.02
CA GLU A 67 22.31 -19.19 10.31
C GLU A 67 22.16 -17.66 10.26
N ILE A 68 20.92 -17.19 10.40
CA ILE A 68 20.63 -15.76 10.51
C ILE A 68 19.62 -15.52 11.62
N SER A 69 19.43 -14.25 12.00
CA SER A 69 18.54 -13.91 13.12
C SER A 69 17.13 -13.55 12.69
N ALA A 70 16.22 -13.52 13.66
CA ALA A 70 14.82 -13.19 13.41
C ALA A 70 14.65 -11.82 12.70
N GLY A 71 15.52 -10.87 13.03
CA GLY A 71 15.47 -9.53 12.49
C GLY A 71 15.92 -9.46 11.05
N ASP A 72 17.02 -10.16 10.75
CA ASP A 72 17.53 -10.26 9.39
C ASP A 72 16.48 -10.90 8.49
N ALA A 73 15.84 -11.94 9.00
CA ALA A 73 14.85 -12.67 8.23
C ALA A 73 13.63 -11.80 7.96
N ALA A 74 13.32 -10.92 8.91
CA ALA A 74 12.19 -10.02 8.76
C ALA A 74 12.39 -8.95 7.65
N VAL A 75 13.58 -8.37 7.56
CA VAL A 75 13.80 -7.31 6.59
C VAL A 75 13.80 -7.87 5.17
N VAL A 76 14.30 -9.08 5.04
CA VAL A 76 14.35 -9.75 3.75
C VAL A 76 12.94 -10.15 3.36
N MET A 77 12.21 -10.78 4.29
CA MET A 77 10.85 -11.23 4.03
C MET A 77 9.93 -10.09 3.67
N THR A 78 10.10 -8.97 4.35
CA THR A 78 9.24 -7.81 4.17
C THR A 78 9.43 -7.21 2.78
N SER A 79 10.68 -7.08 2.35
CA SER A 79 10.98 -6.57 1.01
C SER A 79 10.41 -7.48 -0.07
N ALA A 80 10.63 -8.77 0.10
CA ALA A 80 10.18 -9.74 -0.87
C ALA A 80 8.68 -9.64 -1.03
N GLN A 81 7.96 -9.53 0.08
CA GLN A 81 6.51 -9.43 0.02
C GLN A 81 6.02 -8.17 -0.69
N ILE A 82 6.89 -7.17 -0.79
CA ILE A 82 6.59 -5.97 -1.55
C ILE A 82 6.64 -6.35 -3.04
N THR A 83 7.72 -7.02 -3.44
CA THR A 83 7.88 -7.55 -4.80
C THR A 83 6.73 -8.49 -5.18
N MET A 84 6.47 -9.49 -4.34
CA MET A 84 5.41 -10.48 -4.61
C MET A 84 4.05 -9.82 -4.87
N GLY A 85 3.80 -8.73 -4.15
CA GLY A 85 2.49 -8.12 -4.18
C GLY A 85 2.22 -7.13 -5.30
N MET A 86 3.27 -6.59 -5.91
CA MET A 86 3.16 -5.42 -6.80
C MET A 86 2.28 -5.58 -8.07
N PRO A 87 2.33 -6.76 -8.74
CA PRO A 87 1.40 -6.86 -9.88
C PRO A 87 -0.05 -6.92 -9.45
N TYR A 88 -0.32 -7.42 -8.25
CA TYR A 88 -1.67 -7.51 -7.73
C TYR A 88 -2.15 -6.12 -7.31
N ALA A 89 -1.20 -5.30 -6.86
CA ALA A 89 -1.50 -3.93 -6.48
C ALA A 89 -1.76 -3.02 -7.69
N VAL A 90 -0.87 -3.03 -8.69
CA VAL A 90 -1.09 -2.23 -9.90
C VAL A 90 -2.41 -2.57 -10.60
N THR A 91 -2.63 -3.87 -10.81
CA THR A 91 -3.83 -4.35 -11.47
C THR A 91 -5.08 -3.84 -10.77
N ASP A 92 -5.07 -3.82 -9.46
CA ASP A 92 -6.25 -3.38 -8.74
C ASP A 92 -6.46 -1.90 -8.98
N ALA A 93 -5.37 -1.14 -8.98
CA ALA A 93 -5.40 0.30 -9.07
C ALA A 93 -5.96 0.77 -10.40
N VAL A 94 -5.53 0.11 -11.49
CA VAL A 94 -6.03 0.40 -12.82
C VAL A 94 -7.47 -0.12 -13.03
N LEU A 95 -7.83 -1.22 -12.37
CA LEU A 95 -9.19 -1.75 -12.54
C LEU A 95 -10.25 -0.92 -11.82
N ALA A 96 -9.88 -0.36 -10.67
CA ALA A 96 -10.86 0.24 -9.76
C ALA A 96 -11.84 1.25 -10.38
N PRO A 97 -11.34 2.24 -11.16
CA PRO A 97 -12.25 3.21 -11.78
C PRO A 97 -13.27 2.58 -12.71
N HIS A 98 -12.97 1.41 -13.27
CA HIS A 98 -13.91 0.76 -14.18
C HIS A 98 -15.03 0.02 -13.48
N ILE A 99 -14.91 -0.16 -12.16
CA ILE A 99 -15.87 -0.99 -11.43
C ILE A 99 -17.04 -0.13 -10.95
N GLY A 100 -18.25 -0.52 -11.32
CA GLY A 100 -19.42 0.23 -10.90
C GLY A 100 -20.12 -0.45 -9.74
N GLY A 101 -21.44 -0.28 -9.67
CA GLY A 101 -22.20 -0.81 -8.56
C GLY A 101 -22.68 -2.20 -8.89
N GLU A 102 -23.34 -2.85 -7.94
CA GLU A 102 -23.82 -4.20 -8.15
C GLU A 102 -24.88 -4.26 -9.25
N ALA A 103 -25.17 -5.48 -9.70
CA ALA A 103 -26.09 -5.69 -10.80
C ALA A 103 -27.18 -6.69 -10.40
N PRO A 109 -29.04 -13.30 -14.88
CA PRO A 109 -28.80 -12.71 -16.20
C PRO A 109 -27.31 -12.64 -16.54
N PRO A 110 -26.85 -13.45 -17.52
CA PRO A 110 -25.45 -13.57 -17.96
C PRO A 110 -24.71 -12.25 -18.16
N PRO A 111 -23.42 -12.21 -17.76
CA PRO A 111 -22.56 -11.02 -17.77
C PRO A 111 -21.79 -10.82 -19.08
N ALA A 112 -21.42 -9.58 -19.35
CA ALA A 112 -20.66 -9.22 -20.53
C ALA A 112 -19.25 -9.81 -20.50
N LEU A 113 -18.55 -9.62 -19.37
CA LEU A 113 -17.19 -10.11 -19.21
C LEU A 113 -16.97 -10.79 -17.85
N THR A 114 -16.22 -11.88 -17.86
CA THR A 114 -15.82 -12.55 -16.63
C THR A 114 -14.31 -12.48 -16.53
N LEU A 115 -13.82 -11.93 -15.43
CA LEU A 115 -12.39 -11.91 -15.16
C LEU A 115 -12.07 -12.89 -14.06
N ILE A 116 -11.17 -13.83 -14.32
CA ILE A 116 -10.72 -14.78 -13.32
C ILE A 116 -9.26 -14.53 -12.98
N PHE A 117 -9.01 -14.09 -11.75
CA PHE A 117 -7.65 -13.82 -11.29
C PHE A 117 -7.07 -14.98 -10.51
N ASP A 118 -5.79 -15.24 -10.72
CA ASP A 118 -5.05 -16.13 -9.86
C ASP A 118 -4.61 -15.28 -8.68
N ARG A 119 -5.38 -15.35 -7.59
CA ARG A 119 -5.14 -14.64 -6.34
C ARG A 119 -5.64 -13.19 -6.27
N HIS A 120 -5.80 -12.73 -5.03
CA HIS A 120 -6.29 -11.41 -4.73
C HIS A 120 -5.15 -10.68 -4.06
N PRO A 121 -5.19 -9.33 -4.10
CA PRO A 121 -4.21 -8.54 -3.35
C PRO A 121 -4.04 -8.91 -1.86
N ILE A 122 -5.08 -9.42 -1.20
CA ILE A 122 -4.88 -9.77 0.21
C ILE A 122 -4.05 -11.04 0.41
N ALA A 123 -3.78 -11.80 -0.65
CA ALA A 123 -2.83 -12.89 -0.54
C ALA A 123 -1.48 -12.30 -0.17
N ALA A 124 -1.02 -11.34 -0.95
CA ALA A 124 0.29 -10.75 -0.70
C ALA A 124 0.28 -9.62 0.35
N LEU A 125 -0.89 -9.14 0.74
CA LEU A 125 -0.95 -7.99 1.63
C LEU A 125 -1.41 -8.33 3.06
N LEU A 126 -1.81 -9.58 3.27
CA LEU A 126 -2.39 -9.99 4.53
C LEU A 126 -2.05 -11.45 4.87
N CYS A 127 -2.53 -12.35 4.02
CA CYS A 127 -2.43 -13.78 4.24
C CYS A 127 -1.00 -14.33 4.35
N TYR A 128 -0.20 -14.12 3.31
CA TYR A 128 1.20 -14.55 3.36
C TYR A 128 2.06 -13.85 4.41
N PRO A 129 1.92 -12.51 4.55
CA PRO A 129 2.61 -11.86 5.66
C PRO A 129 2.25 -12.41 7.04
N ALA A 130 0.97 -12.64 7.27
CA ALA A 130 0.51 -13.21 8.53
C ALA A 130 1.10 -14.61 8.76
N ALA A 131 1.19 -15.40 7.70
CA ALA A 131 1.75 -16.73 7.81
C ALA A 131 3.23 -16.69 8.18
N ARG A 132 3.98 -15.76 7.61
CA ARG A 132 5.41 -15.70 7.88
C ARG A 132 5.63 -15.15 9.27
N TYR A 133 4.63 -14.44 9.77
CA TYR A 133 4.72 -13.94 11.12
C TYR A 133 4.61 -15.12 12.09
N LEU A 134 3.67 -16.02 11.83
CA LEU A 134 3.53 -17.25 12.61
C LEU A 134 4.76 -18.14 12.48
N MET A 135 5.63 -17.82 11.52
CA MET A 135 6.80 -18.61 11.23
C MET A 135 8.02 -17.88 11.71
N GLY A 136 7.78 -16.85 12.52
CA GLY A 136 8.86 -16.07 13.10
C GLY A 136 9.75 -15.33 12.11
N SER A 137 9.30 -15.18 10.86
CA SER A 137 10.11 -14.46 9.87
C SER A 137 9.56 -13.07 9.47
N MET A 138 8.49 -12.61 10.11
CA MET A 138 8.02 -11.22 9.95
C MET A 138 7.41 -10.63 11.23
N THR A 139 7.76 -9.38 11.54
CA THR A 139 7.22 -8.72 12.72
C THR A 139 5.74 -8.42 12.51
N PRO A 140 4.95 -8.45 13.59
CA PRO A 140 3.51 -8.21 13.39
C PRO A 140 3.20 -6.76 12.97
N GLN A 141 4.15 -5.85 13.16
CA GLN A 141 3.99 -4.46 12.74
C GLN A 141 4.05 -4.31 11.22
N ALA A 142 4.86 -5.14 10.58
CA ALA A 142 4.96 -5.13 9.13
C ALA A 142 3.66 -5.61 8.54
N VAL A 143 3.14 -6.70 9.08
CA VAL A 143 1.89 -7.30 8.63
C VAL A 143 0.81 -6.25 8.65
N LEU A 144 0.74 -5.51 9.75
CA LEU A 144 -0.28 -4.49 9.88
C LEU A 144 0.00 -3.30 8.96
N ALA A 145 1.26 -3.08 8.58
CA ALA A 145 1.58 -2.06 7.59
C ALA A 145 1.02 -2.42 6.21
N PHE A 146 1.21 -3.68 5.81
CA PHE A 146 0.62 -4.20 4.57
C PHE A 146 -0.90 -4.14 4.63
N VAL A 147 -1.45 -4.44 5.79
CA VAL A 147 -2.89 -4.43 6.00
C VAL A 147 -3.44 -3.02 5.81
N ALA A 148 -2.69 -2.05 6.31
CA ALA A 148 -3.02 -0.64 6.17
C ALA A 148 -3.15 -0.23 4.68
N LEU A 149 -2.32 -0.82 3.82
CA LEU A 149 -2.33 -0.50 2.40
C LEU A 149 -3.28 -1.38 1.56
N ILE A 150 -4.19 -2.11 2.18
CA ILE A 150 -5.10 -2.96 1.42
C ILE A 150 -6.07 -2.05 0.68
N PRO A 151 -6.09 -2.13 -0.66
CA PRO A 151 -7.00 -1.30 -1.46
C PRO A 151 -8.43 -1.46 -0.96
N PRO A 152 -9.27 -0.44 -1.14
CA PRO A 152 -10.65 -0.58 -0.66
C PRO A 152 -11.39 -1.70 -1.39
N THR A 153 -12.37 -2.29 -0.72
CA THR A 153 -13.06 -3.43 -1.27
C THR A 153 -14.12 -2.98 -2.24
N LEU A 154 -13.83 -3.16 -3.52
CA LEU A 154 -14.76 -2.80 -4.58
C LEU A 154 -16.01 -3.68 -4.51
N PRO A 155 -17.08 -3.26 -5.20
CA PRO A 155 -18.24 -4.15 -5.28
C PRO A 155 -17.90 -5.42 -6.05
N GLY A 156 -18.66 -6.49 -5.84
CA GLY A 156 -18.45 -7.74 -6.54
C GLY A 156 -17.07 -8.34 -6.37
N THR A 157 -16.52 -8.25 -5.17
CA THR A 157 -15.26 -8.90 -4.88
C THR A 157 -15.49 -10.32 -4.37
N ASN A 158 -15.64 -11.27 -5.31
CA ASN A 158 -15.80 -12.67 -4.97
C ASN A 158 -14.45 -13.38 -4.94
N ILE A 159 -14.11 -13.90 -3.74
CA ILE A 159 -12.89 -14.67 -3.47
C ILE A 159 -13.23 -16.16 -3.34
N VAL A 160 -12.60 -17.00 -4.15
CA VAL A 160 -12.77 -18.45 -3.99
C VAL A 160 -11.63 -19.00 -3.15
N LEU A 161 -11.96 -19.67 -2.06
CA LEU A 161 -10.94 -20.27 -1.21
C LEU A 161 -11.04 -21.80 -1.26
N GLY A 162 -9.95 -22.50 -0.97
CA GLY A 162 -9.95 -23.94 -1.04
C GLY A 162 -10.32 -24.73 0.20
N ALA A 163 -10.86 -25.92 -0.02
CA ALA A 163 -11.05 -26.89 1.04
C ALA A 163 -10.27 -28.13 0.63
N LEU A 164 -9.33 -28.54 1.47
CA LEU A 164 -8.57 -29.77 1.20
C LEU A 164 -7.94 -30.29 2.49
N PRO A 165 -8.14 -31.59 2.78
CA PRO A 165 -7.61 -32.21 4.00
C PRO A 165 -6.09 -32.17 3.95
N GLU A 166 -5.46 -31.91 5.08
CA GLU A 166 -4.03 -31.61 5.09
C GLU A 166 -3.13 -32.62 4.39
N ASP A 167 -3.43 -33.91 4.53
CA ASP A 167 -2.57 -34.96 3.95
C ASP A 167 -2.58 -34.99 2.42
N ARG A 168 -3.78 -34.93 1.85
CA ARG A 168 -3.92 -34.81 0.40
C ARG A 168 -3.26 -33.52 -0.15
N HIS A 169 -3.32 -32.46 0.65
CA HIS A 169 -2.69 -31.19 0.31
C HIS A 169 -1.16 -31.32 0.23
N ILE A 170 -0.56 -31.93 1.24
CA ILE A 170 0.86 -32.23 1.23
C ILE A 170 1.25 -33.04 -0.03
N ASP A 171 0.39 -33.98 -0.42
CA ASP A 171 0.63 -34.78 -1.62
C ASP A 171 0.74 -33.91 -2.85
N ARG A 172 -0.33 -33.17 -3.13
CA ARG A 172 -0.35 -32.26 -4.28
C ARG A 172 0.78 -31.25 -4.24
N LEU A 173 0.98 -30.62 -3.08
CA LEU A 173 2.03 -29.61 -2.94
C LEU A 173 3.40 -30.16 -3.34
N ALA A 174 3.65 -31.41 -2.95
CA ALA A 174 4.93 -32.06 -3.21
C ALA A 174 5.19 -32.24 -4.71
N LYS A 175 4.12 -32.42 -5.48
CA LYS A 175 4.23 -32.63 -6.91
C LYS A 175 4.19 -31.30 -7.69
N ARG A 176 3.75 -30.23 -7.03
CA ARG A 176 3.62 -28.90 -7.65
C ARG A 176 4.45 -27.82 -6.95
N GLN A 177 5.77 -27.93 -7.01
CA GLN A 177 6.66 -26.97 -6.34
C GLN A 177 7.22 -25.89 -7.29
N ARG A 178 6.84 -24.64 -7.06
CA ARG A 178 7.31 -23.54 -7.91
C ARG A 178 8.82 -23.38 -7.83
N PRO A 179 9.44 -22.73 -8.83
CA PRO A 179 10.91 -22.63 -8.81
C PRO A 179 11.43 -21.82 -7.63
N GLY A 180 12.35 -22.42 -6.87
CA GLY A 180 12.94 -21.78 -5.72
C GLY A 180 12.28 -22.22 -4.42
N GLU A 181 11.17 -22.95 -4.54
CA GLU A 181 10.38 -23.36 -3.38
C GLU A 181 10.96 -24.56 -2.62
N ARG A 182 10.89 -24.52 -1.30
CA ARG A 182 11.22 -25.69 -0.50
C ARG A 182 9.97 -26.22 0.15
N LEU A 183 9.85 -27.55 0.19
CA LEU A 183 8.70 -28.18 0.79
C LEU A 183 8.82 -28.01 2.30
N ASP A 184 7.90 -27.26 2.87
CA ASP A 184 8.01 -26.81 4.24
C ASP A 184 6.64 -27.00 4.84
N LEU A 185 6.53 -28.00 5.72
CA LEU A 185 5.26 -28.41 6.31
C LEU A 185 4.77 -27.43 7.38
N ALA A 186 5.71 -26.69 7.98
CA ALA A 186 5.34 -25.66 8.95
C ALA A 186 4.73 -24.43 8.25
N MET A 187 5.31 -24.04 7.11
CA MET A 187 4.70 -23.04 6.27
C MET A 187 3.34 -23.53 5.76
N LEU A 188 3.24 -24.80 5.42
CA LEU A 188 1.95 -25.29 4.94
C LEU A 188 0.87 -25.09 6.01
N ALA A 189 1.22 -25.38 7.26
CA ALA A 189 0.27 -25.28 8.35
C ALA A 189 0.02 -23.83 8.73
N ALA A 190 1.08 -23.03 8.69
CA ALA A 190 0.92 -21.59 8.88
C ALA A 190 -0.12 -21.02 7.90
N ILE A 191 0.08 -21.26 6.60
CA ILE A 191 -0.78 -20.70 5.58
C ILE A 191 -2.18 -21.29 5.62
N ARG A 192 -2.27 -22.60 5.87
CA ARG A 192 -3.58 -23.25 5.95
C ARG A 192 -4.37 -22.65 7.10
N ARG A 193 -3.69 -22.36 8.21
CA ARG A 193 -4.34 -21.75 9.37
C ARG A 193 -4.74 -20.30 9.12
N VAL A 194 -3.84 -19.53 8.51
CA VAL A 194 -4.17 -18.16 8.10
C VAL A 194 -5.43 -18.14 7.23
N TYR A 195 -5.52 -19.03 6.24
CA TYR A 195 -6.66 -19.00 5.34
C TYR A 195 -7.95 -19.48 5.98
N GLY A 196 -7.83 -20.45 6.89
CA GLY A 196 -8.97 -20.88 7.69
C GLY A 196 -9.45 -19.76 8.59
N LEU A 197 -8.52 -19.10 9.27
CA LEU A 197 -8.88 -17.92 10.07
C LEU A 197 -9.52 -16.83 9.18
N LEU A 198 -8.94 -16.59 8.00
CA LEU A 198 -9.55 -15.65 7.06
C LEU A 198 -11.02 -15.95 6.73
N ALA A 199 -11.35 -17.20 6.46
CA ALA A 199 -12.75 -17.53 6.20
C ALA A 199 -13.64 -17.28 7.43
N ASN A 200 -13.11 -17.54 8.63
CA ASN A 200 -13.90 -17.33 9.85
C ASN A 200 -14.10 -15.84 10.04
N THR A 201 -13.05 -15.09 9.72
CA THR A 201 -13.08 -13.65 9.89
C THR A 201 -14.17 -12.97 9.07
N VAL A 202 -14.36 -13.36 7.81
CA VAL A 202 -15.43 -12.83 7.00
C VAL A 202 -16.81 -13.13 7.58
N ARG A 203 -17.05 -14.39 8.00
CA ARG A 203 -18.30 -14.77 8.67
C ARG A 203 -18.57 -14.02 9.99
N TYR A 204 -17.52 -13.82 10.77
CA TYR A 204 -17.59 -13.04 12.00
C TYR A 204 -18.04 -11.61 11.73
N LEU A 205 -17.38 -10.96 10.77
CA LEU A 205 -17.73 -9.59 10.41
C LEU A 205 -19.14 -9.47 9.84
N GLN A 206 -19.52 -10.42 9.01
CA GLN A 206 -20.82 -10.36 8.34
C GLN A 206 -22.01 -10.65 9.26
N CYS A 207 -21.76 -11.37 10.35
CA CYS A 207 -22.80 -11.73 11.33
C CYS A 207 -22.95 -10.68 12.42
N GLY A 208 -22.12 -9.65 12.37
CA GLY A 208 -22.29 -8.52 13.26
C GLY A 208 -21.11 -8.36 14.19
N GLY A 209 -20.10 -9.20 13.98
CA GLY A 209 -18.94 -9.22 14.84
C GLY A 209 -18.19 -7.90 14.94
N SER A 210 -17.97 -7.47 16.17
CA SER A 210 -17.19 -6.27 16.44
C SER A 210 -15.96 -6.65 17.25
N TRP A 211 -14.79 -6.60 16.61
CA TRP A 211 -13.55 -6.96 17.27
C TRP A 211 -13.27 -6.22 18.58
N ARG A 212 -13.57 -4.92 18.64
CA ARG A 212 -13.34 -4.13 19.85
C ARG A 212 -14.25 -4.60 21.00
N GLU A 213 -15.46 -5.03 20.65
CA GLU A 213 -16.41 -5.57 21.62
C GLU A 213 -15.92 -6.89 22.24
N ASP A 214 -15.35 -7.76 21.43
CA ASP A 214 -14.95 -9.10 21.88
C ASP A 214 -13.48 -9.21 22.17
N TRP A 215 -12.75 -8.11 22.13
CA TRP A 215 -11.30 -8.17 22.30
C TRP A 215 -10.91 -8.72 23.67
N GLY A 216 -11.74 -8.44 24.68
CA GLY A 216 -11.54 -8.97 26.02
C GLY A 216 -11.52 -10.48 26.08
N GLN A 217 -12.26 -11.13 25.17
CA GLN A 217 -12.38 -12.58 25.17
C GLN A 217 -11.12 -13.33 24.72
N LEU A 218 -10.08 -12.60 24.31
CA LEU A 218 -8.82 -13.26 24.01
C LEU A 218 -7.99 -13.40 25.30
N SER A 219 -8.64 -13.24 26.44
CA SER A 219 -7.98 -13.35 27.73
C SER A 219 -8.82 -14.09 28.79
N GLY A 220 -8.48 -15.36 29.03
CA GLY A 220 -9.16 -16.16 30.04
C GLY A 220 -8.21 -16.98 30.90
N PRO A 236 -24.83 -15.25 15.93
CA PRO A 236 -24.44 -16.65 15.69
C PRO A 236 -23.23 -16.67 14.77
N ARG A 237 -22.07 -16.54 15.37
CA ARG A 237 -20.83 -16.21 14.67
C ARG A 237 -19.66 -16.98 15.26
N PRO A 238 -18.52 -16.98 14.57
CA PRO A 238 -17.32 -17.60 15.17
C PRO A 238 -16.86 -16.90 16.45
N HIS A 239 -15.92 -17.50 17.15
CA HIS A 239 -15.34 -16.87 18.32
C HIS A 239 -14.13 -16.09 17.86
N ILE A 240 -13.87 -14.96 18.49
CA ILE A 240 -12.81 -14.07 18.04
C ILE A 240 -11.45 -14.79 18.06
N GLY A 241 -11.30 -15.75 18.95
CA GLY A 241 -10.07 -16.50 18.98
C GLY A 241 -9.93 -17.42 17.78
N ASP A 242 -11.01 -17.55 17.03
CA ASP A 242 -10.99 -18.30 15.77
C ASP A 242 -10.98 -17.42 14.53
N THR A 243 -10.76 -16.12 14.72
CA THR A 243 -10.62 -15.23 13.57
C THR A 243 -9.19 -14.75 13.47
N LEU A 244 -8.92 -13.88 12.51
CA LEU A 244 -7.58 -13.37 12.31
C LEU A 244 -7.22 -12.34 13.36
N PHE A 245 -8.20 -11.85 14.09
CA PHE A 245 -7.95 -10.82 15.09
C PHE A 245 -7.07 -11.39 16.21
N THR A 246 -7.20 -12.71 16.44
CA THR A 246 -6.43 -13.39 17.47
C THR A 246 -4.91 -13.34 17.23
N LEU A 247 -4.50 -13.24 15.97
CA LEU A 247 -3.09 -13.15 15.63
C LEU A 247 -2.44 -11.85 16.11
N PHE A 248 -3.26 -10.83 16.43
CA PHE A 248 -2.71 -9.55 16.82
C PHE A 248 -2.84 -9.23 18.31
N ARG A 249 -3.06 -10.26 19.12
CA ARG A 249 -2.81 -10.13 20.54
C ARG A 249 -1.31 -10.40 20.74
N ALA A 250 -0.49 -9.93 19.78
CA ALA A 250 0.96 -10.04 19.83
C ALA A 250 1.56 -9.01 20.78
N PRO A 251 2.53 -9.43 21.59
CA PRO A 251 3.06 -8.50 22.60
C PRO A 251 3.71 -7.25 21.98
N GLU A 252 4.25 -7.36 20.77
CA GLU A 252 4.85 -6.20 20.12
C GLU A 252 3.86 -5.05 19.94
N LEU A 253 2.56 -5.36 19.84
CA LEU A 253 1.56 -4.37 19.49
C LEU A 253 0.95 -3.67 20.68
N LEU A 254 1.41 -4.04 21.89
CA LEU A 254 0.67 -3.74 23.11
C LEU A 254 1.38 -2.76 24.04
N ALA A 255 0.60 -1.86 24.64
CA ALA A 255 1.13 -0.95 25.65
C ALA A 255 1.52 -1.78 26.87
N PRO A 256 2.38 -1.21 27.74
CA PRO A 256 2.74 -1.83 29.02
C PRO A 256 1.57 -2.36 29.86
N ASN A 257 0.39 -1.77 29.73
CA ASN A 257 -0.79 -2.22 30.44
C ASN A 257 -1.62 -3.19 29.63
N GLY A 258 -1.05 -3.66 28.53
CA GLY A 258 -1.67 -4.68 27.72
C GLY A 258 -2.64 -4.18 26.67
N ASP A 259 -2.87 -2.88 26.66
CA ASP A 259 -3.73 -2.28 25.65
C ASP A 259 -3.07 -2.27 24.28
N LEU A 260 -3.86 -2.54 23.25
CA LEU A 260 -3.44 -2.35 21.87
C LEU A 260 -3.14 -0.88 21.65
N TYR A 261 -2.02 -0.57 21.02
CA TYR A 261 -1.78 0.80 20.58
C TYR A 261 -2.86 1.20 19.59
N ASN A 262 -3.22 2.47 19.58
CA ASN A 262 -4.30 2.93 18.72
C ASN A 262 -3.96 2.79 17.27
N VAL A 263 -2.70 3.04 16.93
CA VAL A 263 -2.27 2.92 15.55
C VAL A 263 -2.51 1.51 15.01
N PHE A 264 -2.36 0.49 15.87
CA PHE A 264 -2.56 -0.88 15.46
C PHE A 264 -4.04 -1.23 15.46
N ALA A 265 -4.78 -0.64 16.40
CA ALA A 265 -6.21 -0.82 16.48
C ALA A 265 -6.92 -0.26 15.24
N TRP A 266 -6.41 0.85 14.71
CA TRP A 266 -6.97 1.45 13.49
C TRP A 266 -6.74 0.56 12.27
N ALA A 267 -5.57 -0.08 12.22
CA ALA A 267 -5.31 -1.08 11.19
C ALA A 267 -6.26 -2.27 11.29
N LEU A 268 -6.72 -2.60 12.49
CA LEU A 268 -7.70 -3.67 12.66
C LEU A 268 -9.09 -3.21 12.20
N ASP A 269 -9.41 -1.95 12.45
CA ASP A 269 -10.62 -1.33 11.90
C ASP A 269 -10.65 -1.40 10.38
N VAL A 270 -9.50 -1.14 9.75
CA VAL A 270 -9.38 -1.21 8.29
C VAL A 270 -9.58 -2.64 7.79
N LEU A 271 -8.83 -3.56 8.37
CA LEU A 271 -8.95 -4.98 8.06
C LEU A 271 -10.40 -5.43 8.19
N ALA A 272 -11.06 -5.00 9.25
CA ALA A 272 -12.46 -5.32 9.46
C ALA A 272 -13.33 -4.81 8.31
N LYS A 273 -13.08 -3.56 7.89
CA LYS A 273 -13.87 -2.94 6.84
C LYS A 273 -13.66 -3.68 5.52
N ARG A 274 -12.41 -3.99 5.19
CA ARG A 274 -12.09 -4.62 3.91
C ARG A 274 -12.74 -5.99 3.77
N LEU A 275 -12.66 -6.80 4.82
CA LEU A 275 -13.05 -8.19 4.74
C LEU A 275 -14.56 -8.39 4.82
N ARG A 276 -15.24 -7.51 5.55
CA ARG A 276 -16.68 -7.67 5.78
C ARG A 276 -17.47 -7.68 4.47
N SER A 277 -16.95 -7.02 3.44
CA SER A 277 -17.76 -6.87 2.23
C SER A 277 -17.29 -7.72 1.04
N MET A 278 -16.22 -8.50 1.24
CA MET A 278 -15.85 -9.52 0.26
C MET A 278 -16.84 -10.67 0.30
N HIS A 279 -17.03 -11.32 -0.84
CA HIS A 279 -17.89 -12.47 -0.88
C HIS A 279 -17.01 -13.72 -0.97
N VAL A 280 -17.16 -14.62 0.00
CA VAL A 280 -16.33 -15.83 0.07
C VAL A 280 -17.05 -17.06 -0.46
N PHE A 281 -16.35 -17.81 -1.32
CA PHE A 281 -16.87 -19.07 -1.85
C PHE A 281 -15.81 -20.15 -1.68
N ILE A 282 -16.23 -21.31 -1.17
CA ILE A 282 -15.31 -22.41 -0.86
C ILE A 282 -15.35 -23.50 -1.93
N LEU A 283 -14.19 -23.78 -2.52
CA LEU A 283 -14.05 -24.78 -3.56
C LEU A 283 -13.38 -26.01 -2.99
N ASP A 284 -14.10 -27.11 -2.98
CA ASP A 284 -13.54 -28.38 -2.55
C ASP A 284 -12.55 -28.84 -3.62
N TYR A 285 -11.26 -28.83 -3.29
CA TYR A 285 -10.24 -29.28 -4.24
C TYR A 285 -10.07 -30.79 -4.19
N ASP A 286 -10.65 -31.41 -3.16
CA ASP A 286 -10.52 -32.85 -2.93
C ASP A 286 -11.22 -33.68 -4.00
N GLN A 287 -10.92 -33.39 -5.27
CA GLN A 287 -11.52 -34.09 -6.39
C GLN A 287 -10.64 -33.97 -7.63
N SER A 288 -11.14 -34.47 -8.75
CA SER A 288 -10.38 -34.49 -10.00
C SER A 288 -10.38 -33.11 -10.67
N PRO A 289 -9.26 -32.76 -11.34
CA PRO A 289 -9.04 -31.44 -11.96
C PRO A 289 -10.24 -30.81 -12.66
N ALA A 290 -11.07 -31.61 -13.32
CA ALA A 290 -12.20 -31.07 -14.04
C ALA A 290 -13.44 -31.09 -13.16
N GLY A 291 -13.36 -31.88 -12.09
CA GLY A 291 -14.35 -31.85 -11.03
C GLY A 291 -14.25 -30.54 -10.26
N CYS A 292 -13.02 -30.05 -10.08
CA CYS A 292 -12.78 -28.74 -9.50
C CYS A 292 -13.31 -27.66 -10.43
N ARG A 293 -13.05 -27.83 -11.72
CA ARG A 293 -13.51 -26.93 -12.75
C ARG A 293 -15.03 -26.74 -12.69
N ASP A 294 -15.75 -27.85 -12.64
CA ASP A 294 -17.20 -27.80 -12.60
C ASP A 294 -17.67 -27.18 -11.30
N ALA A 295 -16.94 -27.48 -10.23
CA ALA A 295 -17.23 -26.88 -8.95
C ALA A 295 -17.13 -25.36 -9.03
N LEU A 296 -16.12 -24.88 -9.74
CA LEU A 296 -15.92 -23.43 -9.89
C LEU A 296 -17.06 -22.80 -10.70
N LEU A 297 -17.60 -23.54 -11.65
CA LEU A 297 -18.67 -22.99 -12.49
C LEU A 297 -20.00 -22.94 -11.72
N GLN A 298 -20.23 -23.96 -10.89
CA GLN A 298 -21.41 -23.99 -10.04
C GLN A 298 -21.41 -22.85 -9.02
N LEU A 299 -20.20 -22.53 -8.57
CA LEU A 299 -20.00 -21.52 -7.56
C LEU A 299 -20.32 -20.11 -8.08
N THR A 300 -20.28 -19.93 -9.41
CA THR A 300 -20.45 -18.61 -10.02
C THR A 300 -21.88 -18.08 -9.92
N SER A 301 -22.86 -18.96 -9.84
CA SER A 301 -24.25 -18.52 -9.80
C SER A 301 -24.58 -17.69 -8.55
N GLY A 302 -23.73 -17.79 -7.53
CA GLY A 302 -23.92 -17.02 -6.31
C GLY A 302 -23.02 -15.80 -6.20
N MET A 303 -22.14 -15.61 -7.17
CA MET A 303 -21.18 -14.51 -7.11
C MET A 303 -21.86 -13.22 -7.53
N VAL A 304 -21.25 -12.10 -7.18
CA VAL A 304 -21.88 -10.82 -7.35
C VAL A 304 -21.28 -10.10 -8.55
N GLN A 305 -22.14 -9.69 -9.48
CA GLN A 305 -21.70 -8.96 -10.66
C GLN A 305 -21.83 -7.47 -10.44
N THR A 306 -21.01 -6.71 -11.15
CA THR A 306 -21.08 -5.27 -11.09
C THR A 306 -21.23 -4.67 -12.49
N HIS A 307 -21.81 -3.48 -12.55
CA HIS A 307 -21.80 -2.75 -13.80
C HIS A 307 -20.41 -2.15 -13.93
N VAL A 308 -19.96 -1.91 -15.15
CA VAL A 308 -18.76 -1.12 -15.34
C VAL A 308 -19.12 0.37 -15.32
N THR A 309 -18.14 1.24 -15.50
CA THR A 309 -18.39 2.67 -15.36
C THR A 309 -18.43 3.46 -16.69
N THR A 310 -17.86 2.89 -17.75
CA THR A 310 -17.87 3.51 -19.08
C THR A 310 -18.19 2.46 -20.14
N PRO A 311 -18.65 2.91 -21.34
CA PRO A 311 -18.87 2.03 -22.48
C PRO A 311 -17.66 1.16 -22.80
N GLY A 312 -16.51 1.81 -23.01
CA GLY A 312 -15.29 1.12 -23.36
C GLY A 312 -14.51 0.56 -22.17
N SER A 313 -15.23 0.19 -21.11
CA SER A 313 -14.59 -0.43 -19.97
C SER A 313 -14.28 -1.90 -20.26
N ILE A 314 -15.26 -2.62 -20.80
CA ILE A 314 -15.05 -4.02 -21.15
C ILE A 314 -13.80 -4.26 -22.01
N PRO A 315 -13.64 -3.52 -23.12
CA PRO A 315 -12.47 -3.82 -23.94
C PRO A 315 -11.17 -3.38 -23.27
N THR A 316 -11.22 -2.29 -22.51
CA THR A 316 -10.05 -1.82 -21.78
C THR A 316 -9.60 -2.86 -20.75
N ILE A 317 -10.57 -3.40 -20.03
CA ILE A 317 -10.31 -4.44 -19.03
C ILE A 317 -9.70 -5.68 -19.69
N CYS A 318 -10.33 -6.12 -20.77
CA CYS A 318 -9.86 -7.23 -21.60
C CYS A 318 -8.39 -7.09 -21.99
N ASP A 319 -7.98 -5.87 -22.32
CA ASP A 319 -6.61 -5.67 -22.78
C ASP A 319 -5.60 -5.75 -21.66
N LEU A 320 -5.91 -5.07 -20.56
CA LEU A 320 -5.15 -5.12 -19.31
C LEU A 320 -4.87 -6.60 -18.98
N ALA A 321 -5.96 -7.36 -18.95
CA ALA A 321 -5.90 -8.79 -18.67
C ALA A 321 -5.02 -9.59 -19.62
N ARG A 322 -5.23 -9.46 -20.92
CA ARG A 322 -4.44 -10.22 -21.88
C ARG A 322 -2.96 -9.86 -21.80
N THR A 323 -2.69 -8.56 -21.59
CA THR A 323 -1.33 -8.01 -21.51
C THR A 323 -0.59 -8.40 -20.22
N PHE A 324 -1.32 -8.45 -19.11
CA PHE A 324 -0.80 -8.98 -17.85
C PHE A 324 -0.34 -10.42 -18.08
N ALA A 325 -1.26 -11.25 -18.59
CA ALA A 325 -1.00 -12.63 -18.97
C ALA A 325 0.26 -12.81 -19.81
N ARG A 326 0.35 -12.09 -20.93
CA ARG A 326 1.45 -12.23 -21.88
C ARG A 326 2.80 -11.87 -21.26
N GLU A 327 2.80 -10.86 -20.40
CA GLU A 327 4.04 -10.25 -19.95
C GLU A 327 4.59 -10.91 -18.68
N MET A 328 3.68 -11.36 -17.81
CA MET A 328 4.09 -11.89 -16.51
C MET A 328 3.62 -13.32 -16.22
N GLY A 329 2.74 -13.84 -17.08
CA GLY A 329 2.34 -15.23 -16.98
C GLY A 329 3.52 -16.16 -17.12
N GLU A 330 3.43 -17.32 -16.46
CA GLU A 330 4.48 -18.33 -16.44
C GLU A 330 4.97 -18.73 -17.84
N MET B 2 -24.70 20.80 6.41
CA MET B 2 -23.45 20.33 5.84
C MET B 2 -22.21 21.04 6.42
N PRO B 3 -21.65 20.52 7.53
CA PRO B 3 -20.39 21.04 8.10
C PRO B 3 -19.22 20.78 7.14
N THR B 4 -18.18 21.61 7.17
CA THR B 4 -17.07 21.44 6.23
C THR B 4 -15.71 21.37 6.90
N LEU B 5 -14.75 20.83 6.16
CA LEU B 5 -13.46 20.53 6.70
C LEU B 5 -12.35 20.98 5.77
N LEU B 6 -11.25 21.40 6.37
CA LEU B 6 -10.07 21.77 5.63
C LEU B 6 -8.90 20.91 6.06
N ARG B 7 -8.34 20.15 5.11
CA ARG B 7 -7.17 19.35 5.39
C ARG B 7 -5.98 19.93 4.66
N VAL B 8 -4.91 20.19 5.40
CA VAL B 8 -3.70 20.73 4.84
C VAL B 8 -2.54 19.86 5.27
N TYR B 9 -1.78 19.36 4.31
CA TYR B 9 -0.60 18.55 4.57
C TYR B 9 0.66 19.36 4.30
N ILE B 10 1.48 19.57 5.32
CA ILE B 10 2.75 20.25 5.13
C ILE B 10 3.82 19.21 4.78
N ASP B 11 4.34 19.25 3.56
CA ASP B 11 5.33 18.25 3.16
C ASP B 11 6.60 18.90 2.64
N GLY B 12 7.51 18.10 2.10
CA GLY B 12 8.72 18.64 1.52
C GLY B 12 9.92 18.04 2.19
N PRO B 13 11.12 18.35 1.69
CA PRO B 13 12.34 17.82 2.31
C PRO B 13 12.40 18.18 3.79
N HIS B 14 13.03 17.32 4.58
CA HIS B 14 13.22 17.57 6.01
C HIS B 14 14.18 18.73 6.21
N GLY B 15 14.16 19.31 7.41
CA GLY B 15 15.11 20.34 7.77
C GLY B 15 14.77 21.73 7.27
N MET B 16 13.53 21.95 6.89
CA MET B 16 13.12 23.28 6.43
C MET B 16 12.42 24.10 7.52
N GLY B 17 11.52 23.47 8.27
CA GLY B 17 10.80 24.16 9.31
C GLY B 17 9.33 23.83 9.26
N LYS B 18 8.99 22.78 8.51
CA LYS B 18 7.62 22.31 8.39
C LYS B 18 6.98 22.18 9.76
N THR B 19 7.74 21.61 10.68
CA THR B 19 7.18 21.24 11.97
C THR B 19 6.92 22.47 12.83
N THR B 20 7.94 23.31 12.97
CA THR B 20 7.77 24.55 13.70
C THR B 20 6.61 25.37 13.14
N THR B 21 6.58 25.54 11.81
CA THR B 21 5.60 26.42 11.15
C THR B 21 4.20 25.91 11.39
N THR B 22 4.03 24.61 11.22
CA THR B 22 2.80 23.94 11.58
C THR B 22 2.34 24.25 13.00
N GLN B 23 3.24 24.14 13.98
CA GLN B 23 2.86 24.35 15.38
C GLN B 23 2.46 25.80 15.62
N LEU B 24 3.24 26.73 15.09
CA LEU B 24 2.88 28.14 15.21
C LEU B 24 1.47 28.36 14.69
N LEU B 25 1.15 27.74 13.55
CA LEU B 25 -0.16 27.90 12.93
C LEU B 25 -1.32 27.37 13.77
N VAL B 26 -1.15 26.19 14.35
CA VAL B 26 -2.17 25.60 15.18
C VAL B 26 -2.34 26.46 16.43
N ALA B 27 -1.26 27.09 16.87
CA ALA B 27 -1.27 27.90 18.08
C ALA B 27 -2.09 29.21 17.99
N LEU B 28 -2.80 29.40 16.88
CA LEU B 28 -3.60 30.60 16.65
C LEU B 28 -5.11 30.33 16.68
N GLY B 29 -5.49 29.07 16.54
CA GLY B 29 -6.91 28.70 16.52
C GLY B 29 -7.52 28.58 17.90
N SER B 30 -7.99 27.37 18.22
CA SER B 30 -8.54 27.07 19.53
C SER B 30 -8.37 25.58 19.81
N ARG B 31 -8.54 25.19 21.08
CA ARG B 31 -8.53 23.77 21.43
C ARG B 31 -9.86 23.13 21.04
N ASP B 32 -10.38 23.49 19.86
CA ASP B 32 -11.66 22.96 19.39
C ASP B 32 -11.94 23.23 17.91
N ASP B 33 -11.02 23.87 17.19
CA ASP B 33 -11.28 24.17 15.77
C ASP B 33 -10.11 23.97 14.80
N ILE B 34 -8.97 23.54 15.31
CA ILE B 34 -7.84 23.17 14.46
C ILE B 34 -6.93 22.16 15.16
N VAL B 35 -6.57 21.06 14.50
CA VAL B 35 -5.78 20.04 15.19
C VAL B 35 -4.55 19.56 14.43
N TYR B 36 -3.43 19.50 15.13
CA TYR B 36 -2.16 19.08 14.59
C TYR B 36 -2.07 17.56 14.56
N VAL B 37 -1.77 17.01 13.39
CA VAL B 37 -1.39 15.60 13.25
C VAL B 37 0.10 15.53 12.99
N PRO B 38 0.89 15.26 14.06
CA PRO B 38 2.35 15.34 14.07
C PRO B 38 2.99 14.17 13.37
N GLU B 39 4.30 14.19 13.21
CA GLU B 39 4.91 12.99 12.70
C GLU B 39 4.99 11.92 13.79
N PRO B 40 4.67 10.67 13.43
CA PRO B 40 4.55 9.61 14.43
C PRO B 40 5.94 9.17 14.86
N MET B 41 6.66 10.07 15.52
CA MET B 41 8.04 9.81 15.91
C MET B 41 8.14 8.64 16.84
N THR B 42 7.14 8.47 17.68
CA THR B 42 7.12 7.36 18.62
C THR B 42 7.00 6.03 17.87
N TYR B 43 6.04 5.92 16.95
CA TYR B 43 5.96 4.78 16.04
C TYR B 43 7.34 4.48 15.44
N TRP B 44 7.98 5.52 14.92
CA TRP B 44 9.31 5.43 14.30
C TRP B 44 10.44 4.89 15.21
N ARG B 45 10.46 5.29 16.48
CA ARG B 45 11.58 4.96 17.35
C ARG B 45 11.34 3.69 18.15
N VAL B 46 10.06 3.40 18.41
CA VAL B 46 9.69 2.34 19.35
C VAL B 46 8.62 1.37 18.83
N LEU B 47 7.44 1.89 18.56
CA LEU B 47 6.27 1.05 18.34
C LEU B 47 6.37 0.13 17.13
N GLY B 48 6.72 0.71 15.97
CA GLY B 48 6.78 -0.04 14.73
C GLY B 48 8.07 -0.81 14.55
N ALA B 49 9.14 -0.25 15.11
CA ALA B 49 10.46 -0.90 15.10
C ALA B 49 11.38 -0.10 16.02
N SER B 50 12.67 -0.42 16.00
CA SER B 50 13.60 0.29 16.88
C SER B 50 14.55 1.19 16.13
N GLU B 51 14.46 2.49 16.43
CA GLU B 51 15.38 3.48 15.89
C GLU B 51 15.51 3.38 14.38
N THR B 52 14.36 3.49 13.72
CA THR B 52 14.24 3.33 12.29
C THR B 52 15.00 4.42 11.54
N ILE B 53 14.83 5.67 11.98
CA ILE B 53 15.57 6.79 11.42
C ILE B 53 17.07 6.50 11.51
N ALA B 54 17.51 6.04 12.67
CA ALA B 54 18.92 5.71 12.89
C ALA B 54 19.39 4.54 12.03
N ASN B 55 18.52 3.57 11.80
CA ASN B 55 18.87 2.43 10.97
C ASN B 55 18.99 2.84 9.49
N ILE B 56 18.08 3.70 9.04
CA ILE B 56 18.10 4.25 7.68
C ILE B 56 19.41 4.96 7.36
N TYR B 57 19.76 5.96 8.16
CA TYR B 57 20.95 6.77 7.92
C TYR B 57 22.24 5.97 8.05
N THR B 58 22.27 4.99 8.96
CA THR B 58 23.44 4.13 9.14
C THR B 58 23.65 3.20 7.95
N THR B 59 22.56 2.57 7.51
CA THR B 59 22.56 1.73 6.30
C THR B 59 23.09 2.47 5.06
N GLN B 60 22.57 3.68 4.81
CA GLN B 60 23.07 4.50 3.72
C GLN B 60 24.57 4.79 3.84
N HIS B 61 25.02 5.05 5.06
CA HIS B 61 26.43 5.32 5.33
C HIS B 61 27.27 4.08 5.03
N ARG B 62 26.74 2.91 5.34
CA ARG B 62 27.48 1.68 5.09
C ARG B 62 27.53 1.40 3.59
N LEU B 63 26.43 1.65 2.89
CA LEU B 63 26.39 1.44 1.46
C LEU B 63 27.41 2.34 0.78
N ASP B 64 27.41 3.61 1.19
CA ASP B 64 28.38 4.56 0.70
C ASP B 64 29.78 4.03 0.96
N GLN B 65 30.09 3.80 2.23
CA GLN B 65 31.39 3.26 2.64
C GLN B 65 31.74 1.90 2.04
N GLY B 66 30.76 1.21 1.45
CA GLY B 66 31.01 -0.05 0.76
C GLY B 66 31.15 -1.25 1.70
N GLU B 67 30.59 -1.13 2.89
CA GLU B 67 30.59 -2.21 3.87
C GLU B 67 29.47 -3.22 3.57
N ILE B 68 28.48 -2.77 2.80
CA ILE B 68 27.35 -3.61 2.39
C ILE B 68 27.09 -3.40 0.89
N SER B 69 26.46 -4.39 0.25
CA SER B 69 26.12 -4.30 -1.16
C SER B 69 24.88 -3.44 -1.35
N ALA B 70 24.56 -3.11 -2.60
CA ALA B 70 23.37 -2.32 -2.88
C ALA B 70 22.14 -3.12 -2.49
N GLY B 71 22.19 -4.41 -2.77
CA GLY B 71 21.09 -5.31 -2.51
C GLY B 71 20.73 -5.41 -1.04
N ASP B 72 21.73 -5.47 -0.17
CA ASP B 72 21.51 -5.58 1.27
C ASP B 72 20.97 -4.28 1.83
N ALA B 73 21.47 -3.18 1.26
CA ALA B 73 21.01 -1.85 1.60
C ALA B 73 19.56 -1.71 1.15
N ALA B 74 19.27 -2.20 -0.05
CA ALA B 74 17.93 -2.08 -0.61
C ALA B 74 16.84 -2.76 0.21
N VAL B 75 17.11 -3.97 0.72
CA VAL B 75 16.11 -4.66 1.52
C VAL B 75 15.90 -3.96 2.86
N VAL B 76 16.96 -3.37 3.41
CA VAL B 76 16.84 -2.63 4.65
C VAL B 76 16.02 -1.35 4.45
N MET B 77 16.30 -0.65 3.36
CA MET B 77 15.60 0.59 3.06
C MET B 77 14.13 0.36 2.76
N THR B 78 13.82 -0.72 2.06
CA THR B 78 12.44 -0.99 1.70
C THR B 78 11.62 -1.31 2.95
N SER B 79 12.17 -2.20 3.79
CA SER B 79 11.56 -2.56 5.07
C SER B 79 11.37 -1.34 5.96
N ALA B 80 12.41 -0.51 6.02
CA ALA B 80 12.35 0.68 6.85
C ALA B 80 11.27 1.63 6.33
N GLN B 81 11.19 1.77 5.02
CA GLN B 81 10.21 2.66 4.43
C GLN B 81 8.78 2.20 4.64
N ILE B 82 8.56 0.89 4.63
CA ILE B 82 7.24 0.33 4.90
C ILE B 82 6.80 0.74 6.29
N THR B 83 7.75 0.68 7.22
CA THR B 83 7.51 1.04 8.60
C THR B 83 7.27 2.54 8.71
N MET B 84 8.16 3.33 8.10
CA MET B 84 8.02 4.79 8.13
C MET B 84 6.61 5.24 7.76
N GLY B 85 5.98 4.57 6.80
CA GLY B 85 4.76 5.07 6.24
C GLY B 85 3.45 4.58 6.82
N MET B 86 3.55 3.55 7.65
CA MET B 86 2.39 2.89 8.25
C MET B 86 1.40 3.85 8.92
N PRO B 87 1.90 4.74 9.79
CA PRO B 87 0.90 5.56 10.49
C PRO B 87 0.22 6.56 9.56
N TYR B 88 0.85 6.92 8.45
CA TYR B 88 0.21 7.80 7.48
C TYR B 88 -0.88 7.03 6.74
N ALA B 89 -0.54 5.80 6.35
CA ALA B 89 -1.49 4.93 5.66
C ALA B 89 -2.77 4.60 6.46
N VAL B 90 -2.67 4.22 7.73
CA VAL B 90 -3.88 3.94 8.51
C VAL B 90 -4.69 5.20 8.77
N THR B 91 -3.99 6.31 8.98
CA THR B 91 -4.67 7.58 9.20
C THR B 91 -5.57 7.95 8.03
N ASP B 92 -5.00 7.91 6.82
CA ASP B 92 -5.76 8.14 5.60
C ASP B 92 -6.94 7.19 5.48
N ALA B 93 -6.67 5.91 5.70
CA ALA B 93 -7.68 4.86 5.60
C ALA B 93 -8.85 5.05 6.57
N VAL B 94 -8.57 5.50 7.80
CA VAL B 94 -9.65 5.74 8.76
C VAL B 94 -10.37 7.10 8.55
N LEU B 95 -9.68 8.05 7.92
CA LEU B 95 -10.30 9.33 7.61
C LEU B 95 -11.20 9.27 6.38
N ALA B 96 -10.74 8.61 5.32
CA ALA B 96 -11.45 8.53 4.04
C ALA B 96 -12.97 8.44 4.09
N PRO B 97 -13.54 7.51 4.88
CA PRO B 97 -15.01 7.48 4.86
C PRO B 97 -15.68 8.77 5.39
N HIS B 98 -14.95 9.59 6.13
CA HIS B 98 -15.51 10.84 6.67
C HIS B 98 -15.53 12.00 5.68
N ILE B 99 -14.78 11.87 4.59
CA ILE B 99 -14.56 12.99 3.69
C ILE B 99 -15.58 12.99 2.57
N GLY B 100 -16.20 14.15 2.33
CA GLY B 100 -17.20 14.30 1.29
C GLY B 100 -16.69 15.08 0.08
N GLY B 101 -17.61 15.65 -0.68
CA GLY B 101 -17.26 16.41 -1.87
C GLY B 101 -16.64 17.76 -1.57
N GLU B 102 -15.87 18.29 -2.52
CA GLU B 102 -15.24 19.62 -2.36
C GLU B 102 -16.26 20.74 -2.16
N ALA B 103 -15.92 21.70 -1.31
CA ALA B 103 -16.80 22.82 -1.00
C ALA B 103 -16.14 24.17 -1.23
N PRO B 109 -15.96 31.47 3.27
CA PRO B 109 -16.62 30.84 4.41
C PRO B 109 -15.59 30.18 5.33
N PRO B 110 -15.95 29.97 6.61
CA PRO B 110 -15.06 29.31 7.58
C PRO B 110 -15.34 27.81 7.68
N PRO B 111 -14.28 27.00 7.89
CA PRO B 111 -14.38 25.54 8.05
C PRO B 111 -14.61 25.10 9.49
N ALA B 112 -15.46 24.11 9.69
CA ALA B 112 -15.76 23.64 11.03
C ALA B 112 -14.50 23.14 11.75
N LEU B 113 -13.64 22.46 11.00
CA LEU B 113 -12.41 21.90 11.53
C LEU B 113 -11.28 22.03 10.52
N THR B 114 -10.09 22.35 10.99
CA THR B 114 -8.93 22.28 10.12
C THR B 114 -7.97 21.25 10.67
N LEU B 115 -7.45 20.40 9.78
CA LEU B 115 -6.47 19.40 10.17
C LEU B 115 -5.14 19.72 9.54
N ILE B 116 -4.16 20.08 10.36
CA ILE B 116 -2.82 20.29 9.82
C ILE B 116 -1.98 19.01 9.99
N PHE B 117 -1.64 18.36 8.87
CA PHE B 117 -0.82 17.17 8.91
C PHE B 117 0.67 17.47 8.79
N ASP B 118 1.50 16.78 9.56
CA ASP B 118 2.93 16.82 9.34
C ASP B 118 3.25 15.67 8.39
N ARG B 119 3.27 16.02 7.10
CA ARG B 119 3.48 15.13 5.96
C ARG B 119 2.23 14.42 5.43
N HIS B 120 2.24 14.13 4.13
CA HIS B 120 1.19 13.39 3.41
C HIS B 120 1.71 11.96 3.16
N PRO B 121 0.82 10.97 3.05
CA PRO B 121 1.22 9.59 2.70
C PRO B 121 2.30 9.46 1.63
N ILE B 122 2.26 10.28 0.59
CA ILE B 122 3.22 10.18 -0.51
C ILE B 122 4.67 10.49 -0.13
N ALA B 123 4.87 11.13 1.01
CA ALA B 123 6.23 11.36 1.52
C ALA B 123 6.93 10.01 1.69
N ALA B 124 6.28 9.11 2.43
CA ALA B 124 6.84 7.80 2.72
C ALA B 124 6.61 6.79 1.61
N LEU B 125 5.57 7.00 0.81
CA LEU B 125 5.22 6.07 -0.25
C LEU B 125 5.76 6.45 -1.63
N LEU B 126 6.46 7.58 -1.72
CA LEU B 126 6.95 8.05 -3.02
C LEU B 126 8.25 8.86 -2.95
N CYS B 127 8.25 9.96 -2.21
CA CYS B 127 9.36 10.88 -2.26
C CYS B 127 10.63 10.31 -1.64
N TYR B 128 10.55 9.82 -0.42
CA TYR B 128 11.72 9.16 0.17
C TYR B 128 12.15 7.87 -0.55
N PRO B 129 11.18 7.04 -0.98
CA PRO B 129 11.63 5.94 -1.84
C PRO B 129 12.41 6.43 -3.08
N ALA B 130 11.81 7.33 -3.86
CA ALA B 130 12.47 7.87 -5.06
C ALA B 130 13.84 8.46 -4.73
N ALA B 131 13.95 9.09 -3.58
CA ALA B 131 15.21 9.71 -3.16
C ALA B 131 16.22 8.67 -2.75
N ARG B 132 15.75 7.57 -2.16
CA ARG B 132 16.65 6.47 -1.85
C ARG B 132 17.06 5.73 -3.10
N TYR B 133 16.16 5.66 -4.09
CA TYR B 133 16.52 5.15 -5.39
C TYR B 133 17.68 5.95 -6.00
N LEU B 134 17.58 7.27 -6.02
CA LEU B 134 18.68 8.12 -6.48
C LEU B 134 19.94 7.94 -5.65
N MET B 135 19.78 7.59 -4.38
CA MET B 135 20.91 7.35 -3.50
C MET B 135 21.54 5.97 -3.68
N GLY B 136 20.92 5.16 -4.53
CA GLY B 136 21.42 3.83 -4.85
C GLY B 136 21.13 2.77 -3.80
N SER B 137 20.17 3.04 -2.93
CA SER B 137 19.83 2.13 -1.84
C SER B 137 18.41 1.58 -1.94
N MET B 138 17.73 1.87 -3.05
CA MET B 138 16.47 1.20 -3.38
C MET B 138 16.37 0.99 -4.87
N THR B 139 15.67 -0.07 -5.27
CA THR B 139 15.46 -0.40 -6.67
C THR B 139 14.32 0.44 -7.24
N PRO B 140 14.33 0.70 -8.56
CA PRO B 140 13.18 1.46 -9.04
C PRO B 140 11.92 0.61 -8.99
N GLN B 141 12.08 -0.71 -9.05
CA GLN B 141 10.94 -1.60 -8.98
C GLN B 141 10.18 -1.42 -7.69
N ALA B 142 10.90 -1.27 -6.58
CA ALA B 142 10.25 -1.17 -5.27
C ALA B 142 9.60 0.18 -5.08
N VAL B 143 10.27 1.23 -5.56
CA VAL B 143 9.67 2.56 -5.59
C VAL B 143 8.28 2.49 -6.22
N LEU B 144 8.19 1.85 -7.38
CA LEU B 144 6.91 1.70 -8.07
C LEU B 144 5.93 0.80 -7.31
N ALA B 145 6.47 -0.13 -6.52
CA ALA B 145 5.65 -0.96 -5.65
C ALA B 145 4.99 -0.10 -4.58
N PHE B 146 5.76 0.78 -3.95
CA PHE B 146 5.20 1.78 -3.04
C PHE B 146 4.21 2.73 -3.74
N VAL B 147 4.52 3.13 -4.98
CA VAL B 147 3.66 4.05 -5.75
C VAL B 147 2.31 3.40 -6.02
N ALA B 148 2.34 2.13 -6.41
CA ALA B 148 1.11 1.42 -6.73
C ALA B 148 0.21 1.22 -5.51
N LEU B 149 0.79 1.37 -4.31
CA LEU B 149 0.04 1.23 -3.06
C LEU B 149 -0.46 2.57 -2.49
N ILE B 150 -0.10 3.67 -3.15
CA ILE B 150 -0.61 4.98 -2.77
C ILE B 150 -2.14 4.98 -2.73
N PRO B 151 -2.71 5.32 -1.56
CA PRO B 151 -4.17 5.37 -1.42
C PRO B 151 -4.79 6.39 -2.36
N PRO B 152 -6.01 6.09 -2.86
CA PRO B 152 -6.77 7.03 -3.69
C PRO B 152 -6.69 8.40 -3.06
N THR B 153 -6.51 9.42 -3.88
CA THR B 153 -6.39 10.78 -3.38
C THR B 153 -7.77 11.31 -3.00
N LEU B 154 -7.95 11.60 -1.73
CA LEU B 154 -9.21 12.15 -1.25
C LEU B 154 -9.43 13.53 -1.85
N PRO B 155 -10.69 13.92 -2.07
CA PRO B 155 -10.93 15.32 -2.42
C PRO B 155 -10.40 16.26 -1.35
N GLY B 156 -10.05 17.49 -1.73
CA GLY B 156 -9.56 18.49 -0.81
C GLY B 156 -8.20 18.17 -0.24
N THR B 157 -7.34 17.58 -1.07
CA THR B 157 -5.99 17.24 -0.65
C THR B 157 -5.06 18.40 -0.96
N ASN B 158 -4.89 19.26 0.03
CA ASN B 158 -4.01 20.41 -0.14
C ASN B 158 -2.64 20.11 0.43
N ILE B 159 -1.64 20.19 -0.44
CA ILE B 159 -0.27 19.90 -0.04
C ILE B 159 0.65 21.11 -0.15
N VAL B 160 1.35 21.40 0.94
CA VAL B 160 2.21 22.55 0.99
C VAL B 160 3.66 22.11 0.95
N LEU B 161 4.29 22.23 -0.20
CA LEU B 161 5.71 21.95 -0.33
C LEU B 161 6.48 23.23 -0.03
N GLY B 162 7.78 23.13 0.16
CA GLY B 162 8.57 24.25 0.61
C GLY B 162 9.72 24.66 -0.29
N ALA B 163 9.88 25.97 -0.48
CA ALA B 163 11.07 26.54 -1.09
C ALA B 163 12.05 27.07 -0.03
N LEU B 164 13.34 26.93 -0.33
CA LEU B 164 14.42 27.37 0.55
C LEU B 164 15.68 27.22 -0.26
N PRO B 165 16.47 28.31 -0.38
CA PRO B 165 17.73 28.17 -1.11
C PRO B 165 18.61 27.06 -0.54
N GLU B 166 19.32 26.36 -1.41
CA GLU B 166 20.06 25.16 -1.00
C GLU B 166 21.16 25.48 0.01
N ASP B 167 21.77 26.65 -0.13
CA ASP B 167 22.81 27.08 0.80
C ASP B 167 22.23 27.32 2.19
N ARG B 168 21.11 28.04 2.27
CA ARG B 168 20.41 28.23 3.54
C ARG B 168 19.93 26.89 4.12
N HIS B 169 19.43 26.01 3.26
CA HIS B 169 18.94 24.69 3.68
C HIS B 169 20.04 23.83 4.31
N ILE B 170 21.20 23.80 3.66
CA ILE B 170 22.36 23.08 4.19
C ILE B 170 22.75 23.62 5.56
N ASP B 171 22.75 24.95 5.69
CA ASP B 171 23.00 25.62 6.96
C ASP B 171 22.10 25.10 8.09
N ARG B 172 20.80 25.16 7.86
CA ARG B 172 19.81 24.70 8.83
C ARG B 172 20.09 23.26 9.26
N LEU B 173 20.43 22.42 8.30
CA LEU B 173 20.63 21.01 8.58
C LEU B 173 21.86 20.80 9.43
N ALA B 174 22.96 21.46 9.07
CA ALA B 174 24.21 21.32 9.80
C ALA B 174 24.07 21.73 11.26
N LYS B 175 23.07 22.54 11.57
CA LYS B 175 22.78 22.94 12.95
C LYS B 175 22.41 21.74 13.85
N ARG B 176 21.57 20.86 13.33
CA ARG B 176 20.91 19.83 14.14
C ARG B 176 21.72 18.54 14.30
N GLY B 180 19.26 11.05 15.68
CA GLY B 180 19.15 9.78 14.98
C GLY B 180 19.68 9.81 13.55
N GLU B 181 19.93 11.00 13.03
CA GLU B 181 20.38 11.17 11.65
C GLU B 181 21.90 11.26 11.50
N ARG B 182 22.34 11.53 10.28
CA ARG B 182 23.75 11.81 9.95
C ARG B 182 23.77 12.78 8.76
N LEU B 183 24.63 13.81 8.81
CA LEU B 183 24.62 14.87 7.77
C LEU B 183 25.00 14.37 6.39
N ASP B 184 23.98 14.13 5.58
CA ASP B 184 24.16 13.55 4.28
C ASP B 184 23.67 14.57 3.28
N LEU B 185 24.60 15.35 2.75
CA LEU B 185 24.26 16.41 1.80
C LEU B 185 23.82 15.84 0.44
N ALA B 186 24.26 14.63 0.15
CA ALA B 186 23.88 13.93 -1.07
C ALA B 186 22.41 13.58 -1.03
N MET B 187 21.97 13.06 0.11
CA MET B 187 20.56 12.73 0.36
C MET B 187 19.66 13.97 0.24
N LEU B 188 20.19 15.11 0.69
CA LEU B 188 19.46 16.37 0.70
C LEU B 188 19.24 16.89 -0.72
N ALA B 189 20.26 16.78 -1.55
CA ALA B 189 20.13 17.07 -2.97
C ALA B 189 19.04 16.20 -3.58
N ALA B 190 19.11 14.90 -3.30
CA ALA B 190 18.14 13.95 -3.86
C ALA B 190 16.71 14.26 -3.42
N ILE B 191 16.49 14.41 -2.12
CA ILE B 191 15.15 14.73 -1.63
C ILE B 191 14.65 16.13 -2.09
N ARG B 192 15.56 17.11 -2.20
CA ARG B 192 15.17 18.41 -2.74
C ARG B 192 14.78 18.30 -4.21
N ARG B 193 15.61 17.59 -4.98
CA ARG B 193 15.28 17.35 -6.38
C ARG B 193 13.97 16.60 -6.55
N VAL B 194 13.75 15.57 -5.71
CA VAL B 194 12.52 14.78 -5.81
C VAL B 194 11.25 15.59 -5.57
N TYR B 195 11.26 16.45 -4.56
CA TYR B 195 10.10 17.29 -4.25
C TYR B 195 9.94 18.39 -5.27
N GLY B 196 11.05 18.80 -5.87
CA GLY B 196 11.02 19.69 -7.02
C GLY B 196 10.26 19.08 -8.19
N LEU B 197 10.56 17.80 -8.48
CA LEU B 197 9.90 17.11 -9.57
C LEU B 197 8.42 16.90 -9.26
N LEU B 198 8.13 16.58 -8.01
CA LEU B 198 6.75 16.36 -7.61
C LEU B 198 5.87 17.59 -7.86
N ALA B 199 6.38 18.76 -7.48
CA ALA B 199 5.68 20.01 -7.72
C ALA B 199 5.43 20.19 -9.23
N ASN B 200 6.49 20.01 -10.02
CA ASN B 200 6.37 20.09 -11.47
C ASN B 200 5.38 19.07 -12.01
N THR B 201 5.37 17.88 -11.41
CA THR B 201 4.54 16.77 -11.87
C THR B 201 3.05 17.04 -11.70
N VAL B 202 2.68 17.70 -10.63
CA VAL B 202 1.28 18.05 -10.45
C VAL B 202 0.93 19.13 -11.47
N ARG B 203 1.84 20.07 -11.66
CA ARG B 203 1.61 21.15 -12.60
C ARG B 203 1.47 20.55 -14.00
N TYR B 204 2.43 19.73 -14.40
CA TYR B 204 2.39 19.01 -15.67
C TYR B 204 1.06 18.28 -15.90
N LEU B 205 0.48 17.74 -14.83
CA LEU B 205 -0.76 16.97 -14.94
C LEU B 205 -1.99 17.85 -15.00
N GLN B 206 -1.99 18.92 -14.21
CA GLN B 206 -3.10 19.85 -14.25
C GLN B 206 -3.18 20.61 -15.59
N CYS B 207 -2.06 20.64 -16.33
CA CYS B 207 -2.02 21.26 -17.64
C CYS B 207 -2.35 20.25 -18.72
N GLY B 208 -3.08 19.19 -18.37
CA GLY B 208 -3.45 18.17 -19.31
C GLY B 208 -2.30 17.35 -19.85
N GLY B 209 -1.12 17.45 -19.23
CA GLY B 209 0.03 16.66 -19.61
C GLY B 209 -0.26 15.16 -19.57
N SER B 210 0.35 14.43 -20.49
CA SER B 210 0.10 13.01 -20.66
C SER B 210 1.41 12.28 -20.90
N TRP B 211 1.86 11.55 -19.88
CA TRP B 211 3.20 10.98 -19.87
C TRP B 211 3.40 9.95 -20.99
N ARG B 212 2.37 9.17 -21.28
CA ARG B 212 2.47 8.18 -22.33
C ARG B 212 2.80 8.81 -23.68
N GLU B 213 2.19 9.96 -23.97
CA GLU B 213 2.38 10.67 -25.23
C GLU B 213 3.69 11.47 -25.28
N ASP B 214 4.20 11.84 -24.12
CA ASP B 214 5.48 12.54 -24.03
C ASP B 214 6.69 11.68 -23.66
N TRP B 215 6.48 10.37 -23.43
CA TRP B 215 7.54 9.48 -22.95
C TRP B 215 8.80 9.53 -23.79
N GLY B 216 8.62 9.62 -25.11
CA GLY B 216 9.74 9.60 -26.05
C GLY B 216 10.60 10.85 -26.01
N GLN B 217 10.21 11.82 -25.20
CA GLN B 217 10.94 13.08 -25.13
C GLN B 217 12.03 13.05 -24.08
N LEU B 218 12.24 11.87 -23.48
CA LEU B 218 13.19 11.71 -22.38
C LEU B 218 14.58 11.21 -22.80
N SER B 219 15.62 11.91 -22.34
CA SER B 219 17.01 11.47 -22.44
C SER B 219 17.95 12.39 -21.66
N GLY B 220 18.94 11.83 -20.97
CA GLY B 220 19.89 12.63 -20.19
C GLY B 220 20.34 11.98 -18.89
N ALA B 234 1.47 26.82 -10.17
CA ALA B 234 1.11 27.66 -11.32
C ALA B 234 2.20 27.74 -12.41
N GLY B 235 1.95 28.55 -13.45
CA GLY B 235 2.90 28.72 -14.52
C GLY B 235 2.60 27.86 -15.74
N PRO B 236 3.55 27.74 -16.67
CA PRO B 236 3.33 26.95 -17.89
C PRO B 236 3.52 25.44 -17.65
N ARG B 237 3.02 24.61 -18.57
CA ARG B 237 3.25 23.16 -18.47
C ARG B 237 4.72 22.81 -18.59
N PRO B 238 5.25 22.14 -17.56
CA PRO B 238 6.64 21.67 -17.54
C PRO B 238 6.89 20.60 -18.60
N HIS B 239 8.17 20.44 -18.92
CA HIS B 239 8.63 19.39 -19.79
C HIS B 239 8.72 18.11 -18.96
N ILE B 240 8.33 16.99 -19.56
CA ILE B 240 8.28 15.72 -18.84
C ILE B 240 9.62 15.38 -18.18
N GLY B 241 10.73 15.79 -18.80
CA GLY B 241 12.06 15.55 -18.25
C GLY B 241 12.27 16.24 -16.91
N ASP B 242 11.30 17.06 -16.54
CA ASP B 242 11.35 17.85 -15.32
C ASP B 242 10.24 17.41 -14.36
N THR B 243 9.64 16.26 -14.64
CA THR B 243 8.69 15.65 -13.71
C THR B 243 9.23 14.32 -13.15
N LEU B 244 8.42 13.66 -12.31
CA LEU B 244 8.83 12.42 -11.66
C LEU B 244 9.02 11.28 -12.66
N PHE B 245 8.35 11.41 -13.79
CA PHE B 245 8.39 10.43 -14.86
C PHE B 245 9.80 10.20 -15.35
N THR B 246 10.59 11.26 -15.32
CA THR B 246 11.98 11.14 -15.74
C THR B 246 12.78 10.09 -14.94
N LEU B 247 12.43 9.86 -13.68
CA LEU B 247 13.22 8.95 -12.83
C LEU B 247 13.13 7.49 -13.30
N PHE B 248 11.98 7.15 -13.89
CA PHE B 248 11.68 5.77 -14.27
C PHE B 248 12.01 5.37 -15.70
N ARG B 249 12.90 6.11 -16.36
CA ARG B 249 13.48 5.60 -17.60
C ARG B 249 14.81 4.94 -17.25
N ALA B 250 14.69 3.85 -16.47
CA ALA B 250 15.83 3.11 -15.96
C ALA B 250 15.89 1.75 -16.66
N PRO B 251 17.10 1.19 -16.83
CA PRO B 251 17.28 0.01 -17.68
C PRO B 251 16.58 -1.22 -17.14
N GLU B 252 16.36 -1.26 -15.83
CA GLU B 252 15.69 -2.39 -15.19
C GLU B 252 14.23 -2.43 -15.61
N LEU B 253 13.68 -1.26 -15.92
CA LEU B 253 12.26 -1.15 -16.20
C LEU B 253 11.94 -1.32 -17.69
N LEU B 254 12.99 -1.41 -18.51
CA LEU B 254 12.79 -1.45 -19.96
C LEU B 254 12.87 -2.83 -20.58
N ALA B 255 11.82 -3.15 -21.33
CA ALA B 255 11.74 -4.34 -22.16
C ALA B 255 12.87 -4.41 -23.20
N PRO B 256 13.06 -5.59 -23.80
CA PRO B 256 13.99 -5.73 -24.92
C PRO B 256 13.73 -4.67 -25.98
N ASN B 257 12.46 -4.41 -26.29
CA ASN B 257 12.12 -3.38 -27.27
C ASN B 257 12.45 -1.94 -26.83
N GLY B 258 12.84 -1.77 -25.57
CA GLY B 258 13.24 -0.47 -25.08
C GLY B 258 12.10 0.34 -24.49
N ASP B 259 10.90 -0.22 -24.54
CA ASP B 259 9.73 0.39 -23.91
C ASP B 259 9.63 -0.07 -22.48
N LEU B 260 8.82 0.62 -21.68
CA LEU B 260 8.54 0.17 -20.34
C LEU B 260 7.76 -1.14 -20.39
N TYR B 261 8.02 -2.02 -19.42
CA TYR B 261 7.11 -3.14 -19.23
C TYR B 261 5.77 -2.53 -18.85
N ASN B 262 4.68 -3.17 -19.28
CA ASN B 262 3.34 -2.69 -18.97
C ASN B 262 3.09 -2.52 -17.47
N VAL B 263 3.58 -3.48 -16.66
CA VAL B 263 3.36 -3.44 -15.22
C VAL B 263 3.89 -2.16 -14.61
N PHE B 264 5.02 -1.68 -15.15
CA PHE B 264 5.60 -0.43 -14.71
C PHE B 264 4.85 0.77 -15.28
N ALA B 265 4.38 0.63 -16.52
CA ALA B 265 3.64 1.69 -17.17
C ALA B 265 2.38 1.93 -16.36
N TRP B 266 1.76 0.85 -15.93
CA TRP B 266 0.52 0.94 -15.17
C TRP B 266 0.77 1.59 -13.80
N ALA B 267 1.93 1.34 -13.21
CA ALA B 267 2.30 2.01 -11.97
C ALA B 267 2.42 3.52 -12.22
N LEU B 268 2.93 3.87 -13.40
CA LEU B 268 3.05 5.28 -13.77
C LEU B 268 1.68 5.91 -14.03
N ASP B 269 0.74 5.12 -14.52
CA ASP B 269 -0.63 5.59 -14.68
C ASP B 269 -1.23 5.94 -13.33
N VAL B 270 -0.95 5.10 -12.34
CA VAL B 270 -1.39 5.29 -10.96
C VAL B 270 -0.80 6.57 -10.39
N LEU B 271 0.48 6.82 -10.65
CA LEU B 271 1.15 8.04 -10.19
C LEU B 271 0.43 9.28 -10.70
N ALA B 272 0.06 9.25 -11.97
CA ALA B 272 -0.59 10.39 -12.58
C ALA B 272 -1.97 10.57 -12.00
N LYS B 273 -2.67 9.46 -11.79
CA LYS B 273 -4.03 9.53 -11.28
C LYS B 273 -4.05 10.08 -9.86
N ARG B 274 -3.06 9.70 -9.06
CA ARG B 274 -3.01 10.14 -7.66
C ARG B 274 -2.60 11.61 -7.55
N LEU B 275 -1.62 12.01 -8.35
CA LEU B 275 -1.08 13.37 -8.26
C LEU B 275 -1.97 14.46 -8.90
N ARG B 276 -2.69 14.12 -9.95
CA ARG B 276 -3.34 15.13 -10.80
C ARG B 276 -4.45 15.87 -10.09
N SER B 277 -4.98 15.28 -9.04
CA SER B 277 -6.14 15.84 -8.38
C SER B 277 -5.74 16.60 -7.14
N MET B 278 -4.43 16.62 -6.85
CA MET B 278 -3.93 17.30 -5.66
C MET B 278 -3.83 18.81 -5.85
N HIS B 279 -3.96 19.54 -4.75
CA HIS B 279 -3.88 20.99 -4.74
C HIS B 279 -2.55 21.38 -4.12
N VAL B 280 -1.59 21.76 -4.96
CA VAL B 280 -0.24 22.04 -4.50
C VAL B 280 -0.03 23.51 -4.22
N PHE B 281 0.64 23.82 -3.11
CA PHE B 281 1.02 25.19 -2.80
C PHE B 281 2.48 25.23 -2.38
N ILE B 282 3.17 26.32 -2.68
CA ILE B 282 4.56 26.45 -2.27
C ILE B 282 4.66 27.45 -1.15
N LEU B 283 5.38 27.09 -0.10
CA LEU B 283 5.64 28.02 0.98
C LEU B 283 7.13 28.33 1.02
N ASP B 284 7.45 29.60 1.21
CA ASP B 284 8.82 30.07 1.22
C ASP B 284 9.36 30.01 2.65
N TYR B 285 10.36 29.15 2.85
CA TYR B 285 10.93 28.97 4.18
C TYR B 285 12.15 29.86 4.37
N ASP B 286 12.40 30.76 3.43
CA ASP B 286 13.52 31.68 3.60
C ASP B 286 13.05 32.92 4.39
N GLN B 287 12.54 32.67 5.58
CA GLN B 287 12.15 33.75 6.48
C GLN B 287 12.11 33.24 7.92
N SER B 288 11.66 34.09 8.84
CA SER B 288 11.60 33.75 10.25
C SER B 288 10.41 32.82 10.52
N PRO B 289 10.42 32.14 11.68
CA PRO B 289 9.33 31.25 12.07
C PRO B 289 7.95 31.89 11.99
N ALA B 290 7.76 33.05 12.61
CA ALA B 290 6.47 33.75 12.51
C ALA B 290 6.19 34.21 11.06
N GLY B 291 7.26 34.56 10.34
CA GLY B 291 7.17 34.80 8.91
C GLY B 291 6.50 33.65 8.18
N CYS B 292 7.02 32.43 8.38
CA CYS B 292 6.47 31.23 7.75
C CYS B 292 5.00 31.00 8.12
N ARG B 293 4.72 31.15 9.40
CA ARG B 293 3.38 30.96 9.94
C ARG B 293 2.39 31.87 9.23
N ASP B 294 2.73 33.15 9.13
CA ASP B 294 1.83 34.13 8.53
C ASP B 294 1.74 33.91 7.03
N ALA B 295 2.88 33.57 6.42
CA ALA B 295 2.90 33.16 5.02
C ALA B 295 1.99 31.96 4.77
N LEU B 296 2.13 30.90 5.59
CA LEU B 296 1.29 29.71 5.44
C LEU B 296 -0.17 30.03 5.70
N LEU B 297 -0.42 30.92 6.64
CA LEU B 297 -1.79 31.32 6.98
C LEU B 297 -2.45 32.03 5.80
N GLN B 298 -1.67 32.81 5.07
CA GLN B 298 -2.22 33.53 3.93
C GLN B 298 -2.62 32.54 2.85
N LEU B 299 -1.75 31.57 2.65
CA LEU B 299 -1.86 30.59 1.59
C LEU B 299 -3.08 29.70 1.80
N THR B 300 -3.50 29.52 3.04
CA THR B 300 -4.64 28.65 3.30
C THR B 300 -5.89 29.23 2.67
N SER B 301 -5.97 30.55 2.66
CA SER B 301 -7.13 31.25 2.12
C SER B 301 -7.62 30.70 0.76
N GLY B 302 -6.67 30.29 -0.09
CA GLY B 302 -7.01 29.74 -1.39
C GLY B 302 -7.06 28.22 -1.44
N MET B 303 -7.30 27.58 -0.29
CA MET B 303 -7.30 26.12 -0.23
C MET B 303 -8.69 25.51 -0.26
N VAL B 304 -8.78 24.35 -0.90
CA VAL B 304 -10.04 23.64 -1.05
C VAL B 304 -10.52 22.93 0.21
N GLN B 305 -11.75 23.28 0.62
CA GLN B 305 -12.41 22.59 1.72
C GLN B 305 -13.28 21.49 1.15
N THR B 306 -13.62 20.51 1.99
CA THR B 306 -14.59 19.50 1.58
C THR B 306 -15.70 19.47 2.62
N HIS B 307 -16.82 18.87 2.26
CA HIS B 307 -17.84 18.54 3.25
C HIS B 307 -17.41 17.32 4.06
N VAL B 308 -18.24 16.93 5.00
CA VAL B 308 -18.04 15.68 5.70
C VAL B 308 -19.29 14.85 5.47
N THR B 309 -19.26 13.58 5.86
CA THR B 309 -20.35 12.66 5.51
C THR B 309 -21.42 12.58 6.60
N THR B 310 -21.12 11.95 7.72
CA THR B 310 -22.01 12.04 8.88
C THR B 310 -21.87 13.45 9.47
N PRO B 311 -22.88 13.90 10.24
CA PRO B 311 -22.68 15.20 10.88
C PRO B 311 -21.66 15.07 12.00
N GLY B 312 -21.75 13.97 12.75
CA GLY B 312 -20.83 13.69 13.83
C GLY B 312 -19.45 13.24 13.36
N SER B 313 -19.18 13.44 12.08
CA SER B 313 -17.87 13.15 11.51
C SER B 313 -16.80 14.06 12.08
N ILE B 314 -17.16 15.33 12.29
CA ILE B 314 -16.20 16.33 12.75
C ILE B 314 -15.54 16.02 14.12
N PRO B 315 -16.34 15.77 15.17
CA PRO B 315 -15.65 15.43 16.43
C PRO B 315 -15.01 14.04 16.41
N THR B 316 -15.55 13.13 15.61
CA THR B 316 -14.92 11.82 15.37
C THR B 316 -13.49 12.02 14.86
N ILE B 317 -13.36 12.90 13.88
CA ILE B 317 -12.09 13.21 13.21
C ILE B 317 -11.19 13.90 14.20
N CYS B 318 -11.78 14.73 15.06
CA CYS B 318 -11.03 15.45 16.08
C CYS B 318 -10.40 14.49 17.10
N ASP B 319 -11.22 13.57 17.61
CA ASP B 319 -10.73 12.57 18.53
C ASP B 319 -9.55 11.83 17.93
N LEU B 320 -9.73 11.35 16.70
CA LEU B 320 -8.71 10.54 16.03
C LEU B 320 -7.39 11.27 15.91
N ALA B 321 -7.44 12.58 15.67
CA ALA B 321 -6.22 13.36 15.51
C ALA B 321 -5.54 13.62 16.84
N ARG B 322 -6.32 13.91 17.87
CA ARG B 322 -5.73 14.10 19.19
C ARG B 322 -5.21 12.77 19.75
N THR B 323 -5.92 11.69 19.47
CA THR B 323 -5.47 10.33 19.83
C THR B 323 -4.13 9.99 19.18
N PHE B 324 -4.04 10.25 17.87
CA PHE B 324 -2.82 10.07 17.10
C PHE B 324 -1.68 10.90 17.64
N ALA B 325 -1.97 12.18 17.92
CA ALA B 325 -0.95 13.12 18.37
C ALA B 325 -0.43 12.72 19.76
N ARG B 326 -1.37 12.47 20.66
CA ARG B 326 -1.07 11.99 22.01
C ARG B 326 -0.27 10.68 22.01
N GLU B 327 -0.54 9.78 21.06
CA GLU B 327 0.12 8.47 21.07
C GLU B 327 1.47 8.44 20.34
N MET B 328 1.63 9.31 19.34
CA MET B 328 2.81 9.17 18.47
C MET B 328 3.71 10.38 18.33
N GLY B 329 3.32 11.51 18.91
CA GLY B 329 4.16 12.70 18.90
C GLY B 329 5.12 12.75 20.07
N GLU B 330 5.71 13.93 20.32
CA GLU B 330 6.65 14.11 21.42
C GLU B 330 6.50 15.48 22.09
#